data_7C4R
#
_entry.id   7C4R
#
_cell.length_a   63.901
_cell.length_b   63.901
_cell.length_c   140.234
_cell.angle_alpha   90.000
_cell.angle_beta   90.000
_cell.angle_gamma   120.000
#
_symmetry.space_group_name_H-M   'P 32 2 1'
#
loop_
_entity.id
_entity.type
_entity.pdbx_description
1 polymer 'Terfa protein'
2 polymer "DNA (5'-D(*D*TP*DP*TP*DP*AP*DP*GP*DP*GP*DP*GP*DP*TP*DP*TP*DP*AP*DP*GP*DP*GP*DP*G)-3')"
3 polymer "DNA (5'-D(*D*CP*DP*CP*DP*CP*DP*TP*DP*AP*DP*AP*DP*CP*DP*CP*DP*CP*DP*TP*DP*AP*DP*A)-3')"
4 polymer "DNA (5'-D(*D*TP*DP*TP*DP*AP*DP*GP*DP*GP*DP*GP*DP*TP*DP*TP*DP*AP*DP*G)-3')"
5 water water
#
loop_
_entity_poly.entity_id
_entity_poly.type
_entity_poly.pdbx_seq_one_letter_code
_entity_poly.pdbx_strand_id
1 'polypeptide(L)' TRKMWSVQESEWLKQGVVRYGVGHWERIRSAFPFAGRTAVNLKDRWRTMVKLKM A,B
2 'polydeoxyribonucleotide' (DT)(DT)(DA)(DG)(DG)(DG)(DT)(DT)(DA)(DG)(DG)(DG) C
3 'polydeoxyribonucleotide' (DC)(DC)(DC)(DT)(DA)(DA)(DC)(DC)(DC)(DT)(DA)(DA) D,F
4 'polydeoxyribonucleotide' (DT)(DT)(DA)(DG)(DG)(DG)(DT)(DT)(DA)(DG) E
#
# COMPACT_ATOMS: atom_id res chain seq x y z
N THR A 1 8.23 -9.40 -10.64
CA THR A 1 9.58 -8.88 -10.65
C THR A 1 9.77 -7.90 -9.49
N ARG A 2 10.81 -8.10 -8.68
CA ARG A 2 11.03 -7.23 -7.54
C ARG A 2 11.45 -5.84 -8.01
N LYS A 3 11.19 -4.85 -7.17
CA LYS A 3 11.32 -3.44 -7.54
C LYS A 3 12.22 -2.73 -6.55
N MET A 4 13.20 -1.98 -7.07
CA MET A 4 14.12 -1.26 -6.21
C MET A 4 13.40 -0.14 -5.47
N TRP A 5 13.80 0.08 -4.22
CA TRP A 5 13.23 1.17 -3.43
C TRP A 5 13.73 2.51 -3.95
N SER A 6 12.80 3.40 -4.29
CA SER A 6 13.17 4.73 -4.75
C SER A 6 13.63 5.58 -3.57
N VAL A 7 14.27 6.71 -3.89
CA VAL A 7 14.72 7.61 -2.83
C VAL A 7 13.53 8.26 -2.14
N GLN A 8 12.42 8.46 -2.86
CA GLN A 8 11.22 8.98 -2.22
C GLN A 8 10.59 7.93 -1.31
N GLU A 9 10.53 6.67 -1.78
CA GLU A 9 10.02 5.59 -0.94
C GLU A 9 10.88 5.43 0.31
N SER A 10 12.21 5.57 0.16
CA SER A 10 13.10 5.45 1.31
C SER A 10 12.87 6.59 2.30
N GLU A 11 12.74 7.82 1.78
CA GLU A 11 12.55 8.97 2.66
C GLU A 11 11.23 8.89 3.42
N TRP A 12 10.20 8.32 2.79
CA TRP A 12 8.94 8.10 3.50
C TRP A 12 9.15 7.24 4.73
N LEU A 13 10.01 6.21 4.62
CA LEU A 13 10.22 5.29 5.73
C LEU A 13 10.97 5.95 6.88
N LYS A 14 11.91 6.86 6.57
CA LYS A 14 12.61 7.56 7.64
C LYS A 14 11.66 8.47 8.41
N GLN A 15 10.88 9.28 7.69
CA GLN A 15 9.92 10.16 8.36
C GLN A 15 8.86 9.37 9.11
N GLY A 16 8.50 8.19 8.60
CA GLY A 16 7.55 7.35 9.32
C GLY A 16 8.12 6.85 10.64
N VAL A 17 9.39 6.44 10.64
CA VAL A 17 10.04 6.02 11.87
C VAL A 17 10.16 7.19 12.84
N VAL A 18 10.43 8.39 12.32
CA VAL A 18 10.52 9.56 13.17
C VAL A 18 9.16 9.91 13.77
N ARG A 19 8.10 9.87 12.96
CA ARG A 19 6.79 10.29 13.43
C ARG A 19 6.16 9.26 14.35
N TYR A 20 6.42 7.98 14.15
CA TYR A 20 5.69 6.93 14.87
C TYR A 20 6.57 5.92 15.58
N GLY A 21 7.88 5.95 15.40
CA GLY A 21 8.76 5.01 16.08
C GLY A 21 9.01 3.75 15.27
N VAL A 22 10.14 3.12 15.57
CA VAL A 22 10.49 1.87 14.90
C VAL A 22 9.55 0.76 15.37
N GLY A 23 9.34 -0.23 14.51
CA GLY A 23 8.44 -1.33 14.79
C GLY A 23 6.98 -1.07 14.45
N HIS A 24 6.59 0.19 14.28
CA HIS A 24 5.22 0.53 13.91
C HIS A 24 5.06 0.53 12.38
N TRP A 25 5.32 -0.64 11.78
CA TRP A 25 5.41 -0.73 10.33
C TRP A 25 4.05 -0.53 9.67
N GLU A 26 2.99 -1.14 10.21
CA GLU A 26 1.67 -0.98 9.61
C GLU A 26 1.13 0.43 9.81
N ARG A 27 1.51 1.10 10.92
CA ARG A 27 1.11 2.48 11.10
C ARG A 27 1.84 3.41 10.14
N ILE A 28 3.13 3.12 9.88
CA ILE A 28 3.89 3.93 8.94
C ILE A 28 3.38 3.73 7.52
N ARG A 29 2.93 2.51 7.19
CA ARG A 29 2.47 2.22 5.84
C ARG A 29 1.20 3.00 5.51
N SER A 30 0.31 3.18 6.50
CA SER A 30 -0.93 3.90 6.28
C SER A 30 -0.73 5.41 6.24
N ALA A 31 0.39 5.91 6.78
CA ALA A 31 0.64 7.35 6.81
C ALA A 31 1.23 7.89 5.52
N PHE A 32 1.72 7.02 4.63
CA PHE A 32 2.31 7.42 3.38
C PHE A 32 1.74 6.58 2.24
N PRO A 33 1.67 7.13 1.03
CA PRO A 33 1.08 6.38 -0.10
C PRO A 33 2.03 5.35 -0.69
N PHE A 34 2.24 4.26 0.06
CA PHE A 34 3.11 3.18 -0.37
C PHE A 34 2.36 2.28 -1.34
N ALA A 35 2.75 2.31 -2.61
CA ALA A 35 2.12 1.50 -3.65
C ALA A 35 2.95 0.24 -3.85
N GLY A 36 2.38 -0.91 -3.50
CA GLY A 36 3.06 -2.17 -3.71
C GLY A 36 4.08 -2.53 -2.65
N ARG A 37 3.91 -2.03 -1.43
CA ARG A 37 4.81 -2.34 -0.32
C ARG A 37 3.98 -2.72 0.89
N THR A 38 4.32 -3.85 1.51
CA THR A 38 3.68 -4.31 2.73
C THR A 38 4.48 -3.85 3.94
N ALA A 39 3.86 -4.01 5.12
CA ALA A 39 4.56 -3.65 6.35
C ALA A 39 5.81 -4.49 6.56
N VAL A 40 5.81 -5.74 6.07
CA VAL A 40 7.00 -6.57 6.16
C VAL A 40 8.09 -6.03 5.23
N ASN A 41 7.70 -5.59 4.03
CA ASN A 41 8.66 -4.94 3.14
C ASN A 41 9.28 -3.72 3.81
N LEU A 42 8.47 -2.94 4.53
CA LEU A 42 9.00 -1.77 5.24
C LEU A 42 9.97 -2.20 6.33
N LYS A 43 9.66 -3.27 7.05
CA LYS A 43 10.56 -3.74 8.10
C LYS A 43 11.87 -4.24 7.50
N ASP A 44 11.81 -4.95 6.37
CA ASP A 44 13.03 -5.44 5.73
C ASP A 44 13.84 -4.28 5.16
N ARG A 45 13.17 -3.30 4.56
CA ARG A 45 13.88 -2.17 3.98
C ARG A 45 14.61 -1.36 5.04
N TRP A 46 14.00 -1.23 6.22
CA TRP A 46 14.64 -0.47 7.29
C TRP A 46 15.92 -1.16 7.75
N ARG A 47 15.87 -2.48 7.97
CA ARG A 47 17.06 -3.23 8.30
C ARG A 47 18.13 -3.06 7.23
N THR A 48 17.72 -3.07 5.95
CA THR A 48 18.65 -2.78 4.86
C THR A 48 19.21 -1.37 5.00
N MET A 49 18.40 -0.42 5.46
CA MET A 49 18.83 0.98 5.50
C MET A 49 19.81 1.23 6.63
N VAL A 50 19.63 0.58 7.79
CA VAL A 50 20.56 0.79 8.88
C VAL A 50 21.91 0.13 8.62
N LYS A 51 21.96 -0.92 7.80
CA LYS A 51 23.24 -1.50 7.44
C LYS A 51 24.04 -0.55 6.55
N LEU A 52 23.41 -0.07 5.49
CA LEU A 52 24.02 0.97 4.65
C LEU A 52 24.08 2.32 5.36
N LYS A 53 23.48 2.43 6.54
CA LYS A 53 23.50 3.64 7.37
C LYS A 53 22.88 4.82 6.62
N MET A 54 21.56 4.89 6.62
CA MET A 54 20.85 5.98 5.95
C MET A 54 19.85 6.64 6.90
N THR D 1 -21.53 6.73 7.71
CA THR D 1 -21.53 7.57 6.51
C THR D 1 -20.61 6.98 5.44
N ARG D 2 -21.15 6.80 4.24
CA ARG D 2 -20.43 6.14 3.16
C ARG D 2 -19.49 7.11 2.45
N LYS D 3 -18.43 6.57 1.85
CA LYS D 3 -17.39 7.35 1.20
C LYS D 3 -17.24 6.87 -0.24
N MET D 4 -17.36 7.80 -1.19
CA MET D 4 -17.15 7.48 -2.59
C MET D 4 -15.67 7.18 -2.85
N TRP D 5 -15.42 6.50 -3.97
CA TRP D 5 -14.06 6.09 -4.33
C TRP D 5 -13.42 7.17 -5.19
N SER D 6 -12.25 7.65 -4.76
CA SER D 6 -11.53 8.66 -5.50
C SER D 6 -10.88 8.06 -6.74
N VAL D 7 -10.35 8.94 -7.60
CA VAL D 7 -9.73 8.48 -8.83
C VAL D 7 -8.41 7.75 -8.53
N GLN D 8 -7.68 8.21 -7.53
CA GLN D 8 -6.44 7.54 -7.15
C GLN D 8 -6.70 6.23 -6.41
N GLU D 9 -7.76 6.19 -5.60
CA GLU D 9 -8.12 4.93 -4.94
C GLU D 9 -8.46 3.86 -5.97
N SER D 10 -9.27 4.21 -6.97
CA SER D 10 -9.58 3.26 -8.03
C SER D 10 -8.35 2.88 -8.83
N GLU D 11 -7.38 3.80 -8.94
CA GLU D 11 -6.14 3.48 -9.66
C GLU D 11 -5.28 2.51 -8.88
N TRP D 12 -5.19 2.69 -7.56
CA TRP D 12 -4.41 1.77 -6.74
C TRP D 12 -5.01 0.36 -6.77
N LEU D 13 -6.33 0.25 -6.90
CA LEU D 13 -6.96 -1.06 -6.89
C LEU D 13 -6.59 -1.86 -8.15
N LYS D 14 -6.67 -1.23 -9.32
CA LYS D 14 -6.26 -1.92 -10.54
C LYS D 14 -4.77 -2.17 -10.59
N GLN D 15 -3.97 -1.36 -9.88
CA GLN D 15 -2.54 -1.66 -9.75
C GLN D 15 -2.33 -2.92 -8.92
N GLY D 16 -3.09 -3.08 -7.83
CA GLY D 16 -2.99 -4.30 -7.05
C GLY D 16 -3.48 -5.52 -7.80
N VAL D 17 -4.43 -5.34 -8.71
CA VAL D 17 -4.92 -6.45 -9.51
C VAL D 17 -3.85 -6.90 -10.51
N VAL D 18 -3.12 -5.94 -11.08
CA VAL D 18 -2.04 -6.29 -11.99
C VAL D 18 -0.93 -7.05 -11.25
N ARG D 19 -0.68 -6.68 -10.00
CA ARG D 19 0.42 -7.28 -9.25
C ARG D 19 0.01 -8.62 -8.64
N TYR D 20 -1.18 -8.71 -8.06
CA TYR D 20 -1.60 -9.91 -7.34
C TYR D 20 -2.68 -10.72 -8.04
N GLY D 21 -3.31 -10.18 -9.07
CA GLY D 21 -4.40 -10.91 -9.72
C GLY D 21 -5.74 -10.61 -9.09
N VAL D 22 -6.79 -10.77 -9.91
CA VAL D 22 -8.15 -10.53 -9.42
C VAL D 22 -8.51 -11.57 -8.37
N GLY D 23 -9.23 -11.15 -7.34
CA GLY D 23 -9.62 -12.02 -6.26
C GLY D 23 -8.71 -12.02 -5.06
N HIS D 24 -7.54 -11.40 -5.16
CA HIS D 24 -6.58 -11.37 -4.05
C HIS D 24 -6.72 -10.05 -3.28
N TRP D 25 -7.94 -9.83 -2.76
CA TRP D 25 -8.29 -8.53 -2.21
C TRP D 25 -7.53 -8.23 -0.93
N GLU D 26 -7.37 -9.23 -0.05
CA GLU D 26 -6.71 -8.99 1.23
C GLU D 26 -5.24 -8.63 1.03
N ARG D 27 -4.57 -9.27 0.07
CA ARG D 27 -3.17 -8.94 -0.18
C ARG D 27 -3.02 -7.62 -0.90
N ILE D 28 -3.99 -7.25 -1.75
CA ILE D 28 -3.97 -5.93 -2.37
C ILE D 28 -4.12 -4.85 -1.31
N ARG D 29 -5.00 -5.07 -0.33
CA ARG D 29 -5.18 -4.08 0.73
C ARG D 29 -3.95 -4.00 1.64
N SER D 30 -3.24 -5.12 1.81
CA SER D 30 -2.08 -5.15 2.69
C SER D 30 -0.85 -4.48 2.08
N ALA D 31 -0.87 -4.16 0.79
CA ALA D 31 0.28 -3.59 0.10
C ALA D 31 0.00 -2.23 -0.52
N PHE D 32 -1.23 -1.74 -0.46
CA PHE D 32 -1.61 -0.49 -1.08
C PHE D 32 -2.32 0.40 -0.07
N PRO D 33 -2.18 1.72 -0.19
CA PRO D 33 -2.76 2.62 0.82
C PRO D 33 -4.28 2.62 0.80
N PHE D 34 -4.88 1.55 1.31
CA PHE D 34 -6.33 1.40 1.38
C PHE D 34 -6.81 1.43 2.83
N ALA D 35 -6.25 2.34 3.62
CA ALA D 35 -6.72 2.53 4.99
C ALA D 35 -8.16 3.04 4.97
N GLY D 36 -9.03 2.33 5.68
CA GLY D 36 -10.45 2.64 5.65
C GLY D 36 -11.26 1.81 4.67
N ARG D 37 -10.60 0.96 3.89
CA ARG D 37 -11.26 0.05 2.96
C ARG D 37 -10.96 -1.38 3.38
N THR D 38 -12.00 -2.21 3.38
CA THR D 38 -11.86 -3.62 3.71
C THR D 38 -11.71 -4.44 2.43
N ALA D 39 -11.21 -5.66 2.58
CA ALA D 39 -11.09 -6.56 1.43
C ALA D 39 -12.43 -6.80 0.77
N VAL D 40 -13.52 -6.82 1.56
CA VAL D 40 -14.85 -6.93 0.99
C VAL D 40 -15.21 -5.66 0.23
N ASN D 41 -14.86 -4.50 0.78
CA ASN D 41 -15.07 -3.24 0.06
C ASN D 41 -14.33 -3.23 -1.26
N LEU D 42 -13.13 -3.82 -1.29
CA LEU D 42 -12.36 -3.86 -2.53
C LEU D 42 -13.04 -4.76 -3.56
N LYS D 43 -13.54 -5.92 -3.13
CA LYS D 43 -14.24 -6.80 -4.05
C LYS D 43 -15.53 -6.16 -4.54
N ASP D 44 -16.27 -5.49 -3.64
CA ASP D 44 -17.48 -4.81 -4.05
C ASP D 44 -17.17 -3.64 -4.99
N ARG D 45 -16.07 -2.94 -4.75
CA ARG D 45 -15.67 -1.85 -5.63
C ARG D 45 -15.28 -2.38 -7.00
N TRP D 46 -14.49 -3.46 -7.05
CA TRP D 46 -14.05 -3.99 -8.33
C TRP D 46 -15.23 -4.47 -9.17
N ARG D 47 -16.28 -4.98 -8.54
CA ARG D 47 -17.49 -5.33 -9.27
C ARG D 47 -18.11 -4.10 -9.91
N THR D 48 -18.03 -2.95 -9.24
CA THR D 48 -18.54 -1.71 -9.81
C THR D 48 -17.71 -1.27 -11.02
N MET D 49 -16.38 -1.31 -10.89
CA MET D 49 -15.52 -0.85 -11.97
C MET D 49 -15.63 -1.77 -13.19
N VAL D 50 -15.84 -3.08 -12.98
CA VAL D 50 -16.06 -3.99 -14.10
C VAL D 50 -17.36 -3.64 -14.81
N LYS D 51 -18.41 -3.32 -14.05
CA LYS D 51 -19.68 -2.95 -14.65
C LYS D 51 -19.61 -1.57 -15.31
N LEU D 52 -18.80 -0.66 -14.76
CA LEU D 52 -18.62 0.68 -15.30
C LEU D 52 -17.53 0.74 -16.36
N LYS D 53 -16.95 -0.40 -16.74
CA LYS D 53 -15.91 -0.50 -17.77
C LYS D 53 -14.74 0.42 -17.45
N MET D 54 -13.99 0.03 -16.42
CA MET D 54 -12.81 0.77 -15.99
C MET D 54 -11.59 -0.13 -15.85
#